data_4MJV
#
_entry.id   4MJV
#
_cell.length_a   90.744
_cell.length_b   90.744
_cell.length_c   112.002
_cell.angle_alpha   90.00
_cell.angle_beta   90.00
_cell.angle_gamma   90.00
#
_symmetry.space_group_name_H-M   'I 4'
#
loop_
_entity.id
_entity.type
_entity.pdbx_description
1 polymer Neuraminidase
2 non-polymer '(2E,5S,9R,10S)-10-(acetylamino)-2-imino-4-oxo-9-(pentan-3-yloxy)-1-thia-3-azaspiro[4.5]dec-6-ene-7-carboxylic acid'
3 non-polymer 'CALCIUM ION'
4 water water
#
_entity_poly.entity_id   1
_entity_poly.type   'polypeptide(L)'
_entity_poly.pdbx_seq_one_letter_code
;TYMNNTEAICDVKGFAPFSKDNGIRIGSRGHIFVIREPFVSCSPIECRTFFLTQGSLLNDKHSNGTVKDRSPFRTLMSVE
VGQSPNVYQARFEAVAWSATACHDGKKWMTVGVTGPDSKAVAVIHYGGVPTDVVNSWAGDILRTQESSCTCIQGDCYWVM
TDGPANRQAQYRIYKANQGRIIGQADISFNGGHIEECSCYPNDGKVECVCRDNWTGTNRPVLVISPDLSYRVGYLCAGIP
SDTPRGEDAQFTGSCTSPMGNQGYGVKGFGFRQGTDVWMGRTISRTSRSGFEILRIKNGWTQTSKEQIRKQVVVDNLNWS
GYSGSFTLPVELSGKDCLVPCFWVEMIRGKPEEKTIWTSSSSIVMCGVDYEVADWSWHDGAILPFDIDKM
;
_entity_poly.pdbx_strand_id   A
#
loop_
_chem_comp.id
_chem_comp.type
_chem_comp.name
_chem_comp.formula
27V non-polymer '(2E,5S,9R,10S)-10-(acetylamino)-2-imino-4-oxo-9-(pentan-3-yloxy)-1-thia-3-azaspiro[4.5]dec-6-ene-7-carboxylic acid' 'C16 H23 N3 O5 S'
CA non-polymer 'CALCIUM ION' 'Ca 2'
#
# COMPACT_ATOMS: atom_id res chain seq x y z
N THR A 1 -4.99 -14.60 21.65
CA THR A 1 -6.21 -14.92 20.92
C THR A 1 -6.13 -14.41 19.47
N TYR A 2 -6.53 -15.25 18.53
CA TYR A 2 -6.54 -14.84 17.12
C TYR A 2 -7.67 -13.86 16.81
N MET A 3 -7.39 -12.84 16.02
CA MET A 3 -8.47 -11.97 15.52
C MET A 3 -9.30 -12.73 14.53
N ASN A 4 -10.62 -12.70 14.70
CA ASN A 4 -11.50 -13.33 13.71
C ASN A 4 -11.33 -12.70 12.33
N ASN A 5 -11.46 -11.38 12.26
CA ASN A 5 -11.41 -10.64 11.00
C ASN A 5 -12.23 -11.32 9.90
N THR A 6 -13.43 -11.75 10.24
CA THR A 6 -14.31 -12.44 9.29
C THR A 6 -15.55 -11.59 9.01
N GLU A 7 -15.58 -10.40 9.61
CA GLU A 7 -16.71 -9.48 9.46
C GLU A 7 -16.72 -8.83 8.08
N ALA A 8 -17.78 -8.07 7.81
CA ALA A 8 -17.88 -7.30 6.59
C ALA A 8 -17.24 -5.95 6.81
N ILE A 9 -16.80 -5.31 5.74
CA ILE A 9 -16.33 -3.94 5.82
C ILE A 9 -17.50 -3.02 6.04
N CYS A 10 -17.29 -1.97 6.83
CA CYS A 10 -18.32 -0.97 7.07
C CYS A 10 -18.64 -0.17 5.80
N ASP A 11 -19.93 0.09 5.59
CA ASP A 11 -20.34 1.03 4.57
C ASP A 11 -20.02 2.42 5.08
N VAL A 12 -19.25 3.17 4.32
CA VAL A 12 -18.81 4.47 4.79
C VAL A 12 -19.17 5.58 3.81
N LYS A 13 -19.58 6.73 4.35
CA LYS A 13 -19.94 7.89 3.52
C LYS A 13 -18.77 8.84 3.28
N GLY A 14 -17.64 8.58 3.92
CA GLY A 14 -16.52 9.49 3.79
C GLY A 14 -15.41 9.12 4.72
N PHE A 15 -14.35 9.92 4.72
CA PHE A 15 -13.17 9.58 5.50
C PHE A 15 -12.68 10.69 6.42
N ALA A 16 -12.39 10.31 7.67
CA ALA A 16 -11.89 11.25 8.67
C ALA A 16 -10.39 11.04 8.87
N PRO A 17 -9.64 12.11 9.20
CA PRO A 17 -8.20 12.00 9.45
C PRO A 17 -7.85 11.23 10.73
N PHE A 18 -6.95 10.26 10.61
CA PHE A 18 -6.50 9.47 11.74
C PHE A 18 -5.24 10.12 12.29
N SER A 19 -4.26 10.28 11.42
CA SER A 19 -2.95 10.77 11.79
C SER A 19 -2.19 11.43 10.64
N LYS A 20 -1.23 12.26 10.99
CA LYS A 20 -0.30 12.85 10.05
C LYS A 20 1.04 12.89 10.80
N ASP A 21 2.13 12.49 10.16
CA ASP A 21 3.37 12.28 10.90
C ASP A 21 4.33 13.47 10.84
N ASN A 22 4.22 14.28 9.79
CA ASN A 22 5.06 15.46 9.60
C ASN A 22 6.55 15.11 9.59
N GLY A 23 6.86 13.87 9.22
CA GLY A 23 8.21 13.37 9.27
C GLY A 23 9.22 14.30 8.63
N ILE A 24 8.86 14.83 7.47
CA ILE A 24 9.81 15.61 6.70
C ILE A 24 9.98 17.03 7.23
N ARG A 25 8.90 17.63 7.70
CA ARG A 25 9.01 18.91 8.36
C ARG A 25 9.87 18.74 9.59
N ILE A 26 9.52 17.75 10.41
CA ILE A 26 10.26 17.42 11.61
C ILE A 26 11.70 17.04 11.25
N GLY A 27 11.86 16.43 10.08
CA GLY A 27 13.16 15.99 9.63
C GLY A 27 14.12 17.09 9.27
N SER A 28 13.63 18.32 9.26
CA SER A 28 14.46 19.47 8.96
C SER A 28 15.53 19.63 10.03
N ARG A 29 15.15 19.36 11.28
CA ARG A 29 16.06 19.50 12.42
C ARG A 29 16.19 18.22 13.26
N GLY A 30 15.15 17.40 13.28
CA GLY A 30 15.20 16.17 14.04
C GLY A 30 15.95 15.06 13.33
N HIS A 31 16.10 13.93 14.01
CA HIS A 31 16.70 12.75 13.39
C HIS A 31 15.60 11.85 12.86
N ILE A 32 15.41 11.87 11.55
CA ILE A 32 14.37 11.09 10.90
C ILE A 32 15.00 10.25 9.80
N PHE A 33 14.46 9.06 9.60
CA PHE A 33 14.91 8.21 8.51
C PHE A 33 14.46 8.78 7.19
N VAL A 34 15.28 8.62 6.17
CA VAL A 34 14.82 8.78 4.80
C VAL A 34 13.98 7.57 4.51
N ILE A 35 12.80 7.76 3.94
CA ILE A 35 11.91 6.64 3.67
C ILE A 35 11.12 6.73 2.36
N ARG A 36 10.63 5.58 1.92
CA ARG A 36 9.57 5.51 0.92
C ARG A 36 8.60 4.49 1.45
N GLU A 37 7.37 4.53 0.93
CA GLU A 37 6.42 3.48 1.19
C GLU A 37 6.21 3.26 2.72
N PRO A 38 5.66 4.27 3.40
CA PRO A 38 5.19 3.96 4.74
C PRO A 38 3.91 3.19 4.58
N PHE A 39 3.40 2.55 5.63
CA PHE A 39 2.09 1.88 5.57
C PHE A 39 1.60 1.44 6.95
N VAL A 40 0.29 1.27 7.08
CA VAL A 40 -0.29 0.98 8.36
C VAL A 40 -0.85 -0.43 8.38
N SER A 41 -0.59 -1.14 9.47
CA SER A 41 -1.32 -2.35 9.81
C SER A 41 -1.59 -2.26 11.30
N CYS A 42 -2.67 -2.89 11.77
CA CYS A 42 -3.08 -2.75 13.16
C CYS A 42 -3.15 -4.06 13.93
N SER A 43 -2.65 -4.04 15.16
CA SER A 43 -2.81 -5.15 16.09
C SER A 43 -4.08 -4.86 16.86
N PRO A 44 -4.55 -5.79 17.68
CA PRO A 44 -5.70 -5.46 18.55
C PRO A 44 -5.41 -4.31 19.53
N ILE A 45 -4.16 -3.88 19.62
CA ILE A 45 -3.80 -2.81 20.52
C ILE A 45 -3.53 -1.48 19.83
N GLU A 46 -2.66 -1.51 18.82
CA GLU A 46 -2.26 -0.28 18.16
C GLU A 46 -2.10 -0.48 16.66
N CYS A 47 -2.25 0.61 15.92
CA CYS A 47 -1.89 0.63 14.53
C CYS A 47 -0.53 1.27 14.43
N ARG A 48 0.37 0.65 13.69
CA ARG A 48 1.71 1.18 13.59
C ARG A 48 1.92 1.64 12.17
N THR A 49 2.91 2.50 11.96
CA THR A 49 3.35 2.81 10.61
C THR A 49 4.63 2.05 10.30
N PHE A 50 4.57 1.21 9.28
CA PHE A 50 5.76 0.54 8.79
C PHE A 50 6.34 1.38 7.70
N PHE A 51 7.64 1.22 7.44
CA PHE A 51 8.33 2.02 6.43
C PHE A 51 9.66 1.44 5.98
N LEU A 52 10.06 1.76 4.75
CA LEU A 52 11.35 1.33 4.26
C LEU A 52 12.39 2.40 4.52
N THR A 53 13.50 1.97 5.10
CA THR A 53 14.55 2.89 5.51
C THR A 53 15.69 2.77 4.53
N GLN A 54 16.39 3.88 4.27
CA GLN A 54 17.55 3.87 3.38
C GLN A 54 18.85 3.78 4.16
N GLY A 55 18.74 3.32 5.40
CA GLY A 55 19.86 3.30 6.31
C GLY A 55 20.38 4.69 6.65
N SER A 56 19.59 5.72 6.37
CA SER A 56 20.09 7.08 6.52
C SER A 56 19.12 8.12 7.07
N LEU A 57 19.64 9.30 7.33
CA LEU A 57 18.86 10.38 7.92
C LEU A 57 18.68 11.57 6.99
N LEU A 58 17.53 12.23 7.15
CA LEU A 58 17.27 13.51 6.51
C LEU A 58 18.29 14.54 6.97
N ASN A 59 18.64 15.42 6.04
CA ASN A 59 19.66 16.46 6.26
C ASN A 59 21.09 15.93 6.49
N ASP A 60 21.33 14.69 6.08
CA ASP A 60 22.68 14.09 6.14
C ASP A 60 23.14 13.65 4.75
N LYS A 61 24.45 13.67 4.53
CA LYS A 61 25.02 13.31 3.23
C LYS A 61 24.63 11.91 2.74
N HIS A 62 24.39 11.00 3.67
CA HIS A 62 24.01 9.63 3.31
C HIS A 62 22.61 9.59 2.67
N SER A 63 21.94 10.74 2.73
CA SER A 63 20.65 10.97 2.08
C SER A 63 20.88 11.16 0.59
N ASN A 64 22.13 11.01 0.19
CA ASN A 64 22.42 10.81 -1.19
C ASN A 64 21.42 9.74 -1.53
N GLY A 65 20.37 10.11 -2.25
CA GLY A 65 19.31 9.19 -2.62
C GLY A 65 19.52 8.80 -4.07
N THR A 66 20.78 8.90 -4.53
CA THR A 66 21.11 8.51 -5.89
C THR A 66 21.96 7.25 -5.77
N VAL A 67 21.70 6.47 -4.71
CA VAL A 67 22.54 5.33 -4.34
C VAL A 67 21.83 3.97 -4.31
N LYS A 68 20.63 3.92 -4.92
CA LYS A 68 19.88 2.68 -5.16
C LYS A 68 18.55 2.53 -4.39
N ASP A 69 17.53 1.93 -5.01
CA ASP A 69 16.31 1.61 -4.26
C ASP A 69 16.49 0.32 -3.60
N ARG A 70 16.98 -0.63 -4.34
CA ARG A 70 17.16 -1.93 -3.75
C ARG A 70 18.58 -2.03 -3.22
N SER A 71 18.92 -1.11 -2.32
CA SER A 71 20.25 -1.09 -1.72
C SER A 71 20.31 -2.11 -0.60
N PRO A 72 21.51 -2.54 -0.25
CA PRO A 72 21.67 -3.48 0.86
C PRO A 72 21.49 -2.82 2.21
N PHE A 73 21.16 -1.54 2.23
CA PHE A 73 20.97 -0.81 3.49
C PHE A 73 19.51 -0.63 3.87
N ARG A 74 18.60 -1.17 3.08
CA ARG A 74 17.18 -0.96 3.32
C ARG A 74 16.57 -1.93 4.31
N THR A 75 16.01 -1.38 5.37
CA THR A 75 15.40 -2.17 6.42
C THR A 75 13.95 -1.70 6.60
N LEU A 76 13.06 -2.63 6.93
CA LEU A 76 11.73 -2.25 7.40
C LEU A 76 11.82 -2.02 8.90
N MET A 77 11.23 -0.91 9.35
CA MET A 77 11.10 -0.60 10.76
C MET A 77 9.68 -0.05 10.97
N SER A 78 9.33 0.25 12.21
CA SER A 78 7.99 0.72 12.48
C SER A 78 7.91 1.55 13.76
N VAL A 79 6.92 2.44 13.79
CA VAL A 79 6.61 3.27 14.94
C VAL A 79 5.10 3.25 15.09
N GLU A 80 4.60 3.82 16.17
CA GLU A 80 3.15 3.93 16.36
C GLU A 80 2.61 4.95 15.36
N VAL A 81 1.43 4.67 14.80
CA VAL A 81 0.90 5.51 13.72
C VAL A 81 0.77 6.96 14.17
N GLY A 82 1.19 7.89 13.30
CA GLY A 82 1.21 9.29 13.67
C GLY A 82 2.60 9.79 14.04
N GLN A 83 3.34 8.97 14.78
CA GLN A 83 4.72 9.25 15.07
C GLN A 83 5.48 9.27 13.77
N SER A 84 6.64 9.93 13.77
CA SER A 84 7.43 10.03 12.57
C SER A 84 8.44 8.89 12.57
N PRO A 85 8.95 8.50 11.39
CA PRO A 85 9.96 7.43 11.36
C PRO A 85 11.33 7.94 11.85
N ASN A 86 11.38 8.34 13.12
CA ASN A 86 12.63 8.72 13.76
C ASN A 86 13.32 7.52 14.36
N VAL A 87 14.64 7.60 14.45
CA VAL A 87 15.48 6.54 14.99
C VAL A 87 15.08 6.04 16.38
N TYR A 88 14.73 6.97 17.26
CA TYR A 88 14.66 6.70 18.69
C TYR A 88 13.31 6.13 19.15
N GLN A 89 12.35 6.09 18.24
CA GLN A 89 11.08 5.45 18.51
C GLN A 89 10.94 4.21 17.61
N ALA A 90 11.90 4.05 16.72
CA ALA A 90 11.84 2.97 15.74
C ALA A 90 12.10 1.61 16.36
N ARG A 91 11.27 0.66 15.94
CA ARG A 91 11.40 -0.73 16.30
C ARG A 91 11.84 -1.42 15.02
N PHE A 92 12.89 -2.23 15.10
CA PHE A 92 13.40 -2.93 13.91
C PHE A 92 12.55 -4.12 13.47
N GLU A 93 12.34 -4.25 12.17
CA GLU A 93 11.48 -5.32 11.66
C GLU A 93 12.12 -6.39 10.78
N ALA A 94 12.78 -5.97 9.72
CA ALA A 94 13.42 -6.93 8.83
C ALA A 94 14.36 -6.20 7.88
N VAL A 95 15.29 -6.95 7.30
CA VAL A 95 16.06 -6.43 6.18
C VAL A 95 15.19 -6.59 4.95
N ALA A 96 14.91 -5.48 4.29
CA ALA A 96 13.92 -5.45 3.21
C ALA A 96 14.03 -4.21 2.34
N TRP A 97 14.14 -4.40 1.04
CA TRP A 97 13.91 -3.29 0.13
C TRP A 97 12.52 -3.38 -0.47
N SER A 98 11.71 -4.25 0.12
CA SER A 98 10.30 -4.43 -0.23
C SER A 98 9.71 -5.28 0.89
N ALA A 99 8.54 -4.91 1.41
CA ALA A 99 8.01 -5.57 2.59
C ALA A 99 6.48 -5.64 2.65
N THR A 100 5.98 -6.45 3.59
CA THR A 100 4.58 -6.42 4.01
C THR A 100 4.48 -6.79 5.50
N ALA A 101 3.50 -6.24 6.22
CA ALA A 101 3.32 -6.56 7.64
C ALA A 101 1.84 -6.74 8.00
N CYS A 102 1.57 -7.56 9.00
CA CYS A 102 0.22 -7.76 9.53
C CYS A 102 0.29 -8.50 10.86
N HIS A 103 -0.83 -8.51 11.58
CA HIS A 103 -0.91 -9.06 12.94
C HIS A 103 -2.04 -10.08 12.97
N ASP A 104 -1.86 -11.21 13.65
CA ASP A 104 -2.95 -12.18 13.70
C ASP A 104 -3.73 -12.20 15.03
N GLY A 105 -3.39 -11.28 15.93
CA GLY A 105 -4.07 -11.21 17.21
C GLY A 105 -3.18 -11.58 18.38
N LYS A 106 -2.14 -12.36 18.10
CA LYS A 106 -1.17 -12.75 19.11
C LYS A 106 0.15 -12.00 18.88
N LYS A 107 0.71 -12.10 17.67
CA LYS A 107 1.96 -11.42 17.37
C LYS A 107 1.98 -10.72 15.98
N TRP A 108 3.08 -10.04 15.67
CA TRP A 108 3.23 -9.46 14.34
C TRP A 108 3.98 -10.42 13.44
N MET A 109 3.56 -10.51 12.18
CA MET A 109 4.33 -11.21 11.17
C MET A 109 4.76 -10.21 10.11
N THR A 110 6.06 -10.06 9.90
CA THR A 110 6.50 -9.24 8.79
C THR A 110 7.14 -10.11 7.73
N VAL A 111 7.39 -9.54 6.57
CA VAL A 111 8.10 -10.23 5.53
C VAL A 111 9.08 -9.27 4.90
N GLY A 112 10.37 -9.56 5.04
CA GLY A 112 11.39 -8.74 4.43
C GLY A 112 11.99 -9.45 3.23
N VAL A 113 12.15 -8.72 2.13
CA VAL A 113 12.83 -9.24 0.95
C VAL A 113 14.07 -8.42 0.75
N THR A 114 15.21 -9.10 0.72
CA THR A 114 16.46 -8.46 0.42
C THR A 114 17.23 -9.43 -0.47
N GLY A 115 18.54 -9.29 -0.58
CA GLY A 115 19.29 -10.11 -1.52
C GLY A 115 19.37 -9.48 -2.90
N PRO A 116 20.03 -10.16 -3.84
CA PRO A 116 20.22 -9.59 -5.18
C PRO A 116 19.00 -9.79 -6.11
N ASP A 117 18.88 -8.94 -7.12
CA ASP A 117 17.75 -9.00 -8.06
C ASP A 117 17.56 -10.38 -8.71
N SER A 118 18.66 -11.09 -8.96
CA SER A 118 18.60 -12.35 -9.67
C SER A 118 18.13 -13.52 -8.82
N LYS A 119 18.24 -13.38 -7.50
CA LYS A 119 17.90 -14.45 -6.58
C LYS A 119 17.48 -13.90 -5.22
N ALA A 120 16.50 -13.02 -5.19
CA ALA A 120 16.11 -12.37 -3.93
C ALA A 120 15.58 -13.37 -2.88
N VAL A 121 15.80 -13.06 -1.60
CA VAL A 121 15.23 -13.86 -0.52
C VAL A 121 14.24 -13.07 0.33
N ALA A 122 13.11 -13.69 0.64
CA ALA A 122 12.12 -13.10 1.55
C ALA A 122 12.13 -13.84 2.88
N VAL A 123 12.44 -13.09 3.92
CA VAL A 123 12.44 -13.62 5.26
C VAL A 123 11.10 -13.32 5.91
N ILE A 124 10.54 -14.31 6.57
CA ILE A 124 9.30 -14.14 7.30
C ILE A 124 9.56 -14.12 8.80
N HIS A 125 9.35 -12.96 9.41
CA HIS A 125 9.50 -12.83 10.85
C HIS A 125 8.16 -13.01 11.55
N TYR A 126 8.20 -13.44 12.80
CA TYR A 126 7.01 -13.67 13.59
C TYR A 126 7.38 -13.60 15.07
N GLY A 127 6.82 -12.62 15.77
CA GLY A 127 7.16 -12.43 17.16
C GLY A 127 8.54 -11.82 17.36
N GLY A 128 9.09 -11.26 16.30
CA GLY A 128 10.38 -10.61 16.39
C GLY A 128 11.54 -11.50 15.94
N VAL A 129 11.23 -12.67 15.38
CA VAL A 129 12.28 -13.57 14.87
C VAL A 129 11.91 -14.23 13.55
N PRO A 130 12.92 -14.45 12.70
CA PRO A 130 12.77 -15.22 11.46
C PRO A 130 12.20 -16.60 11.68
N THR A 131 11.20 -16.98 10.90
CA THR A 131 10.57 -18.28 11.09
C THR A 131 10.47 -19.11 9.81
N ASP A 132 10.45 -18.44 8.67
CA ASP A 132 10.41 -19.13 7.39
C ASP A 132 10.87 -18.26 6.24
N VAL A 133 11.12 -18.90 5.10
CA VAL A 133 11.74 -18.22 3.97
C VAL A 133 11.07 -18.52 2.63
N VAL A 134 11.05 -17.52 1.74
CA VAL A 134 10.65 -17.72 0.35
C VAL A 134 11.74 -17.21 -0.60
N ASN A 135 12.31 -18.09 -1.41
CA ASN A 135 13.29 -17.65 -2.38
C ASN A 135 12.64 -17.13 -3.67
N SER A 136 13.41 -16.37 -4.46
CA SER A 136 12.96 -15.94 -5.78
C SER A 136 12.74 -17.18 -6.63
N TRP A 137 11.56 -17.29 -7.24
CA TRP A 137 11.24 -18.49 -7.98
C TRP A 137 11.25 -18.19 -9.48
N ALA A 138 11.50 -16.93 -9.83
CA ALA A 138 11.51 -16.54 -11.24
C ALA A 138 12.72 -15.68 -11.62
N GLY A 139 13.66 -15.54 -10.69
CA GLY A 139 14.91 -14.86 -10.94
C GLY A 139 14.90 -13.36 -11.20
N ASP A 140 13.80 -12.67 -10.93
CA ASP A 140 13.69 -11.26 -11.33
C ASP A 140 12.97 -10.38 -10.31
N ILE A 141 13.73 -9.81 -9.40
CA ILE A 141 13.24 -8.88 -8.36
C ILE A 141 11.98 -9.34 -7.64
N LEU A 142 12.09 -10.41 -6.87
CA LEU A 142 10.98 -10.88 -6.04
C LEU A 142 10.50 -9.75 -5.14
N ARG A 143 9.19 -9.68 -4.92
CA ARG A 143 8.59 -8.49 -4.30
C ARG A 143 7.18 -8.76 -3.78
N THR A 144 6.62 -7.79 -3.06
CA THR A 144 5.29 -7.96 -2.49
C THR A 144 4.56 -6.64 -2.18
N GLN A 145 3.47 -6.73 -1.42
CA GLN A 145 2.49 -5.65 -1.27
C GLN A 145 2.92 -4.19 -1.01
N GLU A 146 3.95 -3.99 -0.20
CA GLU A 146 4.34 -2.64 0.23
C GLU A 146 3.18 -1.98 0.97
N SER A 147 2.37 -2.82 1.62
CA SER A 147 1.20 -2.38 2.37
C SER A 147 0.85 -3.53 3.29
N SER A 148 -0.15 -3.31 4.14
CA SER A 148 -0.54 -4.32 5.10
C SER A 148 -1.03 -5.63 4.51
N CYS A 149 -0.52 -6.76 5.04
CA CYS A 149 -1.07 -8.08 4.71
C CYS A 149 -2.33 -8.32 5.53
N THR A 150 -2.89 -9.52 5.42
CA THR A 150 -4.20 -9.77 6.01
C THR A 150 -4.24 -11.04 6.84
N CYS A 151 -4.92 -11.01 7.96
CA CYS A 151 -5.01 -12.20 8.79
C CYS A 151 -6.45 -12.53 9.11
N ILE A 152 -6.79 -13.79 8.98
CA ILE A 152 -8.16 -14.24 9.25
C ILE A 152 -8.07 -15.52 10.03
N GLN A 153 -8.59 -15.49 11.25
CA GLN A 153 -8.64 -16.68 12.10
C GLN A 153 -7.29 -17.38 12.31
N GLY A 154 -6.21 -16.62 12.27
CA GLY A 154 -4.90 -17.13 12.57
C GLY A 154 -3.99 -17.33 11.38
N ASP A 155 -4.59 -17.38 10.20
CA ASP A 155 -3.82 -17.55 8.99
C ASP A 155 -3.71 -16.22 8.29
N CYS A 156 -2.48 -15.88 7.91
CA CYS A 156 -2.22 -14.63 7.21
C CYS A 156 -1.90 -14.92 5.75
N TYR A 157 -2.29 -14.00 4.87
CA TYR A 157 -2.15 -14.20 3.44
C TYR A 157 -1.51 -12.95 2.90
N TRP A 158 -0.71 -13.09 1.85
CA TRP A 158 -0.27 -11.90 1.13
C TRP A 158 0.06 -12.27 -0.29
N VAL A 159 0.32 -11.26 -1.13
CA VAL A 159 0.59 -11.51 -2.54
C VAL A 159 2.02 -11.14 -2.89
N MET A 160 2.66 -11.99 -3.67
CA MET A 160 4.02 -11.72 -4.14
C MET A 160 4.13 -11.83 -5.66
N THR A 161 5.10 -11.10 -6.20
CA THR A 161 5.34 -11.05 -7.62
C THR A 161 6.82 -11.29 -7.86
N ASP A 162 7.13 -12.10 -8.87
CA ASP A 162 8.49 -12.28 -9.34
C ASP A 162 8.46 -12.24 -10.88
N GLY A 163 9.19 -11.29 -11.46
CA GLY A 163 9.28 -11.17 -12.90
C GLY A 163 9.48 -9.73 -13.36
N PRO A 164 9.37 -9.50 -14.68
CA PRO A 164 9.38 -8.16 -15.29
C PRO A 164 8.37 -7.18 -14.67
N ALA A 165 8.80 -5.94 -14.53
CA ALA A 165 7.97 -4.89 -13.98
C ALA A 165 7.10 -4.17 -15.03
N ASN A 166 7.31 -4.48 -16.30
CA ASN A 166 6.56 -3.84 -17.36
C ASN A 166 6.04 -4.78 -18.45
N ARG A 167 6.04 -6.08 -18.18
CA ARG A 167 5.54 -7.10 -19.10
C ARG A 167 4.86 -8.22 -18.31
N GLN A 168 4.54 -9.33 -18.96
CA GLN A 168 4.01 -10.48 -18.23
C GLN A 168 5.03 -10.95 -17.19
N ALA A 169 4.57 -11.05 -15.93
CA ALA A 169 5.39 -11.54 -14.85
C ALA A 169 4.64 -12.68 -14.21
N GLN A 170 5.22 -13.23 -13.14
CA GLN A 170 4.54 -14.27 -12.37
C GLN A 170 4.00 -13.80 -11.02
N TYR A 171 2.84 -14.31 -10.62
CA TYR A 171 2.15 -13.80 -9.44
C TYR A 171 1.66 -14.94 -8.55
N ARG A 172 1.99 -14.85 -7.26
CA ARG A 172 1.78 -15.96 -6.32
C ARG A 172 1.03 -15.50 -5.08
N ILE A 173 0.22 -16.39 -4.49
CA ILE A 173 -0.42 -16.14 -3.19
C ILE A 173 0.15 -17.05 -2.10
N TYR A 174 0.85 -16.48 -1.13
CA TYR A 174 1.31 -17.24 0.02
C TYR A 174 0.36 -17.12 1.22
N LYS A 175 0.33 -18.16 2.05
CA LYS A 175 -0.50 -18.22 3.24
C LYS A 175 0.31 -18.78 4.41
N ALA A 176 0.19 -18.20 5.60
CA ALA A 176 0.99 -18.69 6.73
C ALA A 176 0.32 -18.60 8.10
N ASN A 177 0.71 -19.49 9.00
CA ASN A 177 0.31 -19.39 10.41
C ASN A 177 1.51 -19.37 11.37
N GLN A 178 1.47 -18.45 12.33
CA GLN A 178 2.55 -18.28 13.29
C GLN A 178 3.92 -18.12 12.63
N GLY A 179 3.96 -17.53 11.44
CA GLY A 179 5.22 -17.29 10.75
C GLY A 179 5.70 -18.46 9.89
N ARG A 180 4.83 -19.46 9.73
CA ARG A 180 5.17 -20.65 8.95
C ARG A 180 4.28 -20.86 7.74
N ILE A 181 4.90 -20.95 6.57
CA ILE A 181 4.21 -21.18 5.32
C ILE A 181 3.47 -22.52 5.26
N ILE A 182 2.18 -22.47 4.98
CA ILE A 182 1.35 -23.66 5.05
C ILE A 182 0.53 -23.87 3.79
N GLY A 183 0.68 -22.96 2.84
CA GLY A 183 0.02 -23.10 1.55
C GLY A 183 0.41 -21.97 0.60
N GLN A 184 0.55 -22.30 -0.68
CA GLN A 184 0.82 -21.29 -1.69
C GLN A 184 0.04 -21.56 -2.97
N ALA A 185 0.00 -20.58 -3.86
CA ALA A 185 -0.73 -20.73 -5.13
C ALA A 185 -0.25 -19.79 -6.23
N ASP A 186 -0.14 -20.31 -7.44
CA ASP A 186 0.09 -19.48 -8.64
C ASP A 186 -1.20 -18.84 -9.12
N ILE A 187 -1.10 -17.60 -9.58
CA ILE A 187 -2.23 -16.89 -10.10
C ILE A 187 -2.15 -16.91 -11.61
N SER A 188 -3.13 -17.55 -12.26
CA SER A 188 -3.17 -17.51 -13.71
C SER A 188 -3.74 -16.19 -14.17
N PHE A 189 -2.91 -15.39 -14.84
CA PHE A 189 -3.32 -14.04 -15.23
C PHE A 189 -2.52 -13.60 -16.43
N ASN A 190 -2.79 -14.22 -17.58
CA ASN A 190 -2.10 -13.89 -18.81
C ASN A 190 -2.67 -12.62 -19.47
N GLY A 191 -1.77 -11.74 -19.92
CA GLY A 191 -2.15 -10.41 -20.38
C GLY A 191 -2.25 -9.42 -19.22
N GLY A 192 -2.51 -9.93 -18.02
CA GLY A 192 -2.60 -9.09 -16.85
C GLY A 192 -1.30 -8.93 -16.07
N HIS A 193 -1.29 -7.94 -15.18
CA HIS A 193 -0.09 -7.59 -14.43
C HIS A 193 -0.46 -7.23 -12.99
N ILE A 194 0.16 -7.90 -12.02
CA ILE A 194 -0.12 -7.66 -10.60
C ILE A 194 1.09 -7.16 -9.82
N GLU A 195 0.92 -6.02 -9.14
CA GLU A 195 1.99 -5.40 -8.38
C GLU A 195 1.46 -4.73 -7.13
N GLU A 196 2.21 -4.84 -6.05
CA GLU A 196 2.04 -3.98 -4.88
C GLU A 196 0.61 -3.96 -4.35
N CYS A 197 0.04 -5.12 -4.07
CA CYS A 197 -1.36 -5.20 -3.67
C CYS A 197 -1.71 -4.52 -2.35
N SER A 198 -2.86 -3.85 -2.35
CA SER A 198 -3.44 -3.31 -1.14
C SER A 198 -4.63 -4.19 -0.81
N CYS A 199 -4.51 -4.94 0.28
CA CYS A 199 -5.56 -5.87 0.63
C CYS A 199 -6.21 -5.55 1.95
N TYR A 200 -7.24 -6.31 2.27
CA TYR A 200 -8.01 -6.14 3.48
C TYR A 200 -8.88 -7.38 3.62
N PRO A 201 -9.45 -7.60 4.81
CA PRO A 201 -10.42 -8.69 4.92
C PRO A 201 -11.82 -8.16 4.69
N ASN A 202 -12.68 -8.98 4.08
CA ASN A 202 -14.06 -8.61 3.78
C ASN A 202 -14.87 -9.88 3.63
N ASP A 203 -15.84 -10.07 4.52
CA ASP A 203 -16.74 -11.23 4.48
C ASP A 203 -15.99 -12.55 4.60
N GLY A 204 -14.86 -12.53 5.31
CA GLY A 204 -14.08 -13.73 5.54
C GLY A 204 -13.18 -14.13 4.37
N LYS A 205 -12.90 -13.17 3.49
CA LYS A 205 -11.96 -13.39 2.41
C LYS A 205 -10.99 -12.23 2.34
N VAL A 206 -9.97 -12.34 1.52
CA VAL A 206 -9.04 -11.24 1.32
C VAL A 206 -9.29 -10.60 -0.04
N GLU A 207 -9.63 -9.32 -0.02
CA GLU A 207 -9.85 -8.58 -1.24
C GLU A 207 -8.62 -7.73 -1.48
N CYS A 208 -8.13 -7.75 -2.71
CA CYS A 208 -6.93 -7.00 -3.05
C CYS A 208 -7.14 -6.12 -4.28
N VAL A 209 -6.75 -4.86 -4.16
CA VAL A 209 -6.70 -3.97 -5.30
C VAL A 209 -5.25 -3.60 -5.52
N CYS A 210 -4.73 -3.90 -6.71
CA CYS A 210 -3.30 -3.82 -6.96
C CYS A 210 -2.95 -2.87 -8.09
N ARG A 211 -1.79 -3.12 -8.73
CA ARG A 211 -1.27 -2.21 -9.73
C ARG A 211 -0.87 -2.93 -11.00
N ASP A 212 -1.39 -2.48 -12.13
CA ASP A 212 -0.94 -2.98 -13.41
C ASP A 212 0.10 -2.01 -13.94
N ASN A 213 1.30 -2.54 -14.11
CA ASN A 213 2.42 -1.72 -14.51
C ASN A 213 2.84 -2.03 -15.93
N TRP A 214 1.98 -2.79 -16.61
CA TRP A 214 2.19 -3.24 -17.97
C TRP A 214 1.37 -2.43 -18.98
N THR A 215 0.06 -2.64 -19.00
CA THR A 215 -0.84 -1.96 -19.95
C THR A 215 -2.14 -1.44 -19.35
N GLY A 216 -2.28 -1.51 -18.02
CA GLY A 216 -3.55 -1.20 -17.40
C GLY A 216 -3.59 0.09 -16.61
N THR A 217 -4.58 0.93 -16.89
CA THR A 217 -4.77 2.17 -16.15
C THR A 217 -5.92 1.97 -15.18
N ASN A 218 -6.66 0.88 -15.36
CA ASN A 218 -7.55 0.39 -14.32
C ASN A 218 -6.79 -0.60 -13.46
N ARG A 219 -7.39 -0.99 -12.35
CA ARG A 219 -6.67 -1.76 -11.34
C ARG A 219 -7.05 -3.22 -11.32
N PRO A 220 -6.04 -4.09 -11.25
CA PRO A 220 -6.37 -5.50 -11.09
C PRO A 220 -6.95 -5.77 -9.71
N VAL A 221 -7.89 -6.71 -9.64
CA VAL A 221 -8.58 -7.05 -8.41
C VAL A 221 -8.46 -8.53 -8.10
N LEU A 222 -8.26 -8.87 -6.83
CA LEU A 222 -8.05 -10.24 -6.42
C LEU A 222 -8.92 -10.58 -5.21
N VAL A 223 -9.62 -11.71 -5.27
CA VAL A 223 -10.42 -12.14 -4.14
C VAL A 223 -10.00 -13.55 -3.74
N ILE A 224 -9.51 -13.68 -2.51
CA ILE A 224 -8.86 -14.90 -2.08
C ILE A 224 -9.64 -15.56 -0.98
N SER A 225 -9.87 -16.84 -1.15
CA SER A 225 -10.57 -17.65 -0.17
C SER A 225 -9.55 -18.32 0.73
N PRO A 226 -9.98 -18.78 1.89
CA PRO A 226 -9.02 -19.45 2.79
C PRO A 226 -8.28 -20.63 2.11
N ASP A 227 -8.94 -21.32 1.17
CA ASP A 227 -8.34 -22.48 0.50
C ASP A 227 -7.43 -22.08 -0.66
N LEU A 228 -7.22 -20.77 -0.81
CA LEU A 228 -6.37 -20.23 -1.87
C LEU A 228 -6.94 -20.46 -3.29
N SER A 229 -8.22 -20.82 -3.38
CA SER A 229 -8.91 -20.63 -4.64
C SER A 229 -9.16 -19.13 -4.70
N TYR A 230 -9.32 -18.61 -5.91
CA TYR A 230 -9.36 -17.16 -6.07
C TYR A 230 -10.12 -16.72 -7.30
N ARG A 231 -10.53 -15.48 -7.31
CA ARG A 231 -10.98 -14.85 -8.53
C ARG A 231 -10.01 -13.71 -8.75
N VAL A 232 -9.75 -13.36 -10.00
CA VAL A 232 -8.86 -12.24 -10.27
C VAL A 232 -9.33 -11.60 -11.54
N GLY A 233 -9.00 -10.34 -11.73
CA GLY A 233 -9.42 -9.62 -12.91
C GLY A 233 -9.23 -8.15 -12.65
N TYR A 234 -10.11 -7.33 -13.22
CA TYR A 234 -10.03 -5.90 -13.00
C TYR A 234 -11.24 -5.29 -12.33
N LEU A 235 -10.98 -4.23 -11.56
CA LEU A 235 -12.02 -3.44 -10.92
C LEU A 235 -12.97 -3.00 -12.02
N CYS A 236 -14.22 -3.46 -11.95
CA CYS A 236 -15.20 -3.25 -13.02
C CYS A 236 -15.38 -1.78 -13.39
N ALA A 237 -15.40 -0.93 -12.36
CA ALA A 237 -15.71 0.51 -12.50
C ALA A 237 -15.21 1.15 -13.77
N GLY A 238 -16.09 1.95 -14.38
CA GLY A 238 -15.83 2.53 -15.68
C GLY A 238 -15.02 3.79 -15.59
N ILE A 239 -14.22 3.89 -14.52
CA ILE A 239 -13.36 5.03 -14.27
C ILE A 239 -11.96 4.54 -13.90
N PRO A 240 -10.93 5.04 -14.59
CA PRO A 240 -9.56 4.59 -14.34
C PRO A 240 -8.98 5.22 -13.08
N SER A 241 -8.18 4.46 -12.32
CA SER A 241 -7.64 5.00 -11.08
C SER A 241 -6.15 4.70 -10.83
N ASP A 242 -5.35 4.56 -11.88
CA ASP A 242 -3.91 4.39 -11.72
C ASP A 242 -3.28 5.70 -12.16
N THR A 243 -1.96 5.82 -12.02
CA THR A 243 -1.27 6.99 -12.53
C THR A 243 0.03 6.55 -13.15
N PRO A 244 0.23 6.82 -14.45
CA PRO A 244 -0.65 7.68 -15.27
C PRO A 244 -1.79 6.94 -15.93
N ARG A 245 -2.63 7.71 -16.61
CA ARG A 245 -3.90 7.29 -17.16
C ARG A 245 -4.44 8.47 -17.97
N GLY A 246 -5.51 8.23 -18.70
CA GLY A 246 -6.08 9.25 -19.56
C GLY A 246 -7.30 9.83 -18.89
N GLU A 247 -8.09 10.59 -19.64
CA GLU A 247 -9.28 11.23 -19.07
C GLU A 247 -10.40 10.22 -18.84
N ASP A 248 -11.33 10.54 -17.94
CA ASP A 248 -12.42 9.62 -17.64
C ASP A 248 -13.36 9.46 -18.83
N ALA A 249 -13.51 10.55 -19.58
CA ALA A 249 -14.37 10.57 -20.74
C ALA A 249 -13.89 9.57 -21.78
N GLN A 250 -12.58 9.36 -21.83
CA GLN A 250 -11.99 8.54 -22.88
C GLN A 250 -11.77 7.09 -22.46
N PHE A 251 -12.48 6.64 -21.45
CA PHE A 251 -12.17 5.35 -20.86
C PHE A 251 -13.40 4.48 -20.77
N THR A 252 -13.24 3.20 -21.07
CA THR A 252 -14.33 2.25 -20.91
C THR A 252 -13.95 1.16 -19.90
N GLY A 253 -14.91 0.76 -19.10
CA GLY A 253 -14.65 -0.21 -18.03
C GLY A 253 -14.43 -1.64 -18.49
N SER A 254 -13.88 -2.44 -17.57
CA SER A 254 -13.75 -3.86 -17.79
C SER A 254 -13.67 -4.59 -16.46
N CYS A 255 -14.26 -5.78 -16.41
CA CYS A 255 -14.09 -6.64 -15.26
C CYS A 255 -12.92 -7.60 -15.49
N THR A 256 -12.57 -7.79 -16.75
CA THR A 256 -11.77 -8.96 -17.11
C THR A 256 -10.32 -8.69 -17.49
N SER A 257 -10.06 -7.53 -18.04
CA SER A 257 -8.77 -7.27 -18.68
C SER A 257 -8.32 -5.82 -18.52
N PRO A 258 -7.05 -5.54 -18.84
CA PRO A 258 -6.62 -4.15 -18.66
C PRO A 258 -7.11 -3.21 -19.74
N MET A 259 -7.29 -1.96 -19.34
CA MET A 259 -7.83 -0.90 -20.19
C MET A 259 -6.93 0.32 -20.12
N GLY A 260 -6.98 1.13 -21.17
CA GLY A 260 -6.27 2.40 -21.21
C GLY A 260 -5.01 2.35 -22.03
N ASN A 261 -4.49 1.14 -22.21
CA ASN A 261 -3.26 0.91 -22.94
C ASN A 261 -2.14 1.89 -22.60
N GLN A 262 -1.76 1.91 -21.32
CA GLN A 262 -0.64 2.71 -20.86
C GLN A 262 0.19 1.91 -19.85
N GLY A 263 1.48 2.21 -19.83
CA GLY A 263 2.38 1.57 -18.89
C GLY A 263 2.52 2.37 -17.61
N TYR A 264 3.52 2.00 -16.84
CA TYR A 264 3.78 2.53 -15.52
C TYR A 264 2.58 2.33 -14.61
N GLY A 265 2.49 3.18 -13.60
CA GLY A 265 1.49 3.04 -12.55
C GLY A 265 2.02 3.50 -11.19
N VAL A 266 1.17 3.38 -10.20
CA VAL A 266 1.49 3.82 -8.87
C VAL A 266 0.69 2.88 -8.01
N LYS A 267 1.17 2.56 -6.83
CA LYS A 267 0.43 1.70 -5.93
C LYS A 267 -0.81 2.43 -5.41
N GLY A 268 -1.95 1.76 -5.43
CA GLY A 268 -3.18 2.35 -4.98
C GLY A 268 -4.10 1.39 -4.27
N PHE A 269 -5.33 1.81 -4.03
CA PHE A 269 -6.23 0.98 -3.25
C PHE A 269 -7.69 1.16 -3.64
N GLY A 270 -8.54 0.36 -3.02
CA GLY A 270 -9.95 0.43 -3.26
C GLY A 270 -10.73 -0.38 -2.25
N PHE A 271 -11.94 0.05 -1.96
CA PHE A 271 -12.76 -0.68 -0.98
C PHE A 271 -14.11 -1.05 -1.55
N ARG A 272 -14.40 -2.35 -1.54
CA ARG A 272 -15.71 -2.82 -1.93
C ARG A 272 -16.75 -2.29 -0.96
N GLN A 273 -17.91 -1.95 -1.50
CA GLN A 273 -19.03 -1.46 -0.70
C GLN A 273 -20.24 -2.10 -1.35
N GLY A 274 -20.63 -3.27 -0.86
CA GLY A 274 -21.58 -4.09 -1.59
C GLY A 274 -21.16 -4.30 -3.04
N THR A 275 -21.81 -3.60 -3.95
CA THR A 275 -21.46 -3.69 -5.37
C THR A 275 -20.72 -2.44 -5.79
N ASP A 276 -20.73 -1.43 -4.90
CA ASP A 276 -19.98 -0.19 -5.12
C ASP A 276 -18.51 -0.32 -4.72
N VAL A 277 -17.73 0.71 -5.03
CA VAL A 277 -16.32 0.75 -4.63
C VAL A 277 -15.85 2.17 -4.25
N TRP A 278 -15.02 2.26 -3.23
CA TRP A 278 -14.28 3.49 -2.98
C TRP A 278 -12.93 3.30 -3.63
N MET A 279 -12.57 4.19 -4.54
CA MET A 279 -11.29 4.11 -5.20
C MET A 279 -10.50 5.40 -5.01
N GLY A 280 -9.29 5.26 -4.49
CA GLY A 280 -8.37 6.36 -4.38
C GLY A 280 -7.61 6.54 -5.68
N ARG A 281 -7.16 7.76 -5.92
CA ARG A 281 -6.33 8.04 -7.09
C ARG A 281 -5.77 9.43 -6.94
N THR A 282 -4.69 9.70 -7.66
CA THR A 282 -4.10 11.03 -7.65
C THR A 282 -5.03 11.91 -8.44
N ILE A 283 -4.99 13.20 -8.16
CA ILE A 283 -5.85 14.11 -8.89
C ILE A 283 -5.31 14.24 -10.29
N SER A 284 -4.01 14.48 -10.41
CA SER A 284 -3.38 14.51 -11.72
C SER A 284 -3.50 13.16 -12.44
N ARG A 285 -3.66 13.23 -13.75
CA ARG A 285 -3.72 12.04 -14.58
C ARG A 285 -2.33 11.60 -14.95
N THR A 286 -1.37 12.50 -14.78
CA THR A 286 -0.01 12.27 -15.21
C THR A 286 1.02 12.41 -14.09
N SER A 287 0.61 13.04 -12.99
CA SER A 287 1.55 13.23 -11.88
C SER A 287 1.11 12.62 -10.56
N ARG A 288 2.08 12.10 -9.83
CA ARG A 288 1.85 11.72 -8.45
C ARG A 288 1.61 12.95 -7.58
N SER A 289 0.48 13.61 -7.83
CA SER A 289 0.14 14.87 -7.18
C SER A 289 -1.36 14.93 -6.90
N GLY A 290 -1.72 15.53 -5.77
CA GLY A 290 -3.11 15.57 -5.32
C GLY A 290 -3.55 14.17 -4.91
N PHE A 291 -4.62 14.09 -4.14
CA PHE A 291 -5.23 12.79 -3.86
C PHE A 291 -6.72 12.85 -3.49
N GLU A 292 -7.50 12.00 -4.14
CA GLU A 292 -8.94 11.99 -3.95
C GLU A 292 -9.46 10.57 -3.82
N ILE A 293 -10.67 10.44 -3.30
CA ILE A 293 -11.28 9.13 -3.20
C ILE A 293 -12.75 9.18 -3.66
N LEU A 294 -13.07 8.31 -4.63
CA LEU A 294 -14.37 8.37 -5.25
C LEU A 294 -15.18 7.15 -4.90
N ARG A 295 -16.46 7.34 -4.63
CA ARG A 295 -17.38 6.22 -4.55
C ARG A 295 -18.14 6.06 -5.89
N ILE A 296 -18.14 4.84 -6.43
CA ILE A 296 -18.80 4.54 -7.70
C ILE A 296 -19.90 3.51 -7.49
N LYS A 297 -21.15 3.91 -7.66
CA LYS A 297 -22.27 3.00 -7.43
C LYS A 297 -22.15 1.82 -8.36
N ASN A 298 -22.09 0.62 -7.78
CA ASN A 298 -21.93 -0.61 -8.54
C ASN A 298 -20.62 -0.67 -9.31
N GLY A 299 -19.56 -0.09 -8.74
CA GLY A 299 -18.26 -0.06 -9.38
C GLY A 299 -17.49 -1.35 -9.18
N TRP A 300 -17.98 -2.20 -8.30
CA TRP A 300 -17.29 -3.44 -8.00
C TRP A 300 -17.75 -4.55 -8.91
N THR A 301 -18.91 -4.36 -9.51
CA THR A 301 -19.56 -5.44 -10.23
C THR A 301 -20.04 -5.03 -11.62
N GLN A 302 -20.02 -3.73 -11.92
CA GLN A 302 -20.46 -3.26 -13.23
C GLN A 302 -19.56 -2.16 -13.80
N THR A 303 -19.66 -1.95 -15.11
CA THR A 303 -18.86 -0.94 -15.79
C THR A 303 -19.40 0.47 -15.51
N SER A 304 -19.76 0.70 -14.25
CA SER A 304 -20.51 1.89 -13.86
C SER A 304 -19.67 3.15 -13.93
N LYS A 305 -20.31 4.25 -14.30
CA LYS A 305 -19.65 5.53 -14.33
C LYS A 305 -20.44 6.45 -13.43
N GLU A 306 -21.06 5.87 -12.41
CA GLU A 306 -21.95 6.62 -11.53
C GLU A 306 -21.24 7.09 -10.28
N GLN A 307 -20.71 8.31 -10.35
CA GLN A 307 -20.00 8.89 -9.22
C GLN A 307 -20.98 9.47 -8.19
N ILE A 308 -21.06 8.86 -7.03
CA ILE A 308 -22.00 9.32 -6.02
C ILE A 308 -21.36 10.10 -4.88
N ARG A 309 -20.06 9.91 -4.65
CA ARG A 309 -19.34 10.75 -3.68
C ARG A 309 -17.95 11.11 -4.18
N LYS A 310 -17.38 12.15 -3.60
CA LYS A 310 -16.03 12.57 -3.95
C LYS A 310 -15.42 13.41 -2.83
N GLN A 311 -14.28 12.95 -2.31
CA GLN A 311 -13.61 13.62 -1.19
C GLN A 311 -12.12 13.81 -1.49
N VAL A 312 -11.61 15.01 -1.17
CA VAL A 312 -10.21 15.33 -1.36
C VAL A 312 -9.46 15.38 -0.05
N VAL A 313 -8.26 14.80 -0.03
CA VAL A 313 -7.40 14.84 1.16
C VAL A 313 -6.05 15.48 0.87
N VAL A 314 -5.70 15.58 -0.42
CA VAL A 314 -4.50 16.28 -0.84
C VAL A 314 -4.81 17.08 -2.09
N ASP A 315 -4.67 18.40 -2.04
CA ASP A 315 -5.04 19.20 -3.20
C ASP A 315 -3.96 19.05 -4.27
N ASN A 316 -4.32 19.33 -5.52
CA ASN A 316 -3.44 19.03 -6.64
C ASN A 316 -2.18 19.88 -6.76
N LEU A 317 -2.02 20.86 -5.88
CA LEU A 317 -0.83 21.68 -5.91
C LEU A 317 0.27 21.03 -5.09
N ASN A 318 -0.02 19.84 -4.60
CA ASN A 318 0.87 19.16 -3.67
C ASN A 318 1.15 17.73 -4.11
N TRP A 319 2.27 17.18 -3.65
CA TRP A 319 2.72 15.87 -4.09
C TRP A 319 2.10 14.73 -3.31
N SER A 320 1.67 13.70 -4.02
CA SER A 320 1.14 12.51 -3.36
C SER A 320 2.09 11.32 -3.50
N GLY A 321 1.56 10.20 -3.98
CA GLY A 321 2.33 8.99 -4.12
C GLY A 321 1.55 7.72 -3.83
N TYR A 322 2.21 6.78 -3.16
CA TYR A 322 1.60 5.49 -2.85
C TYR A 322 0.40 5.63 -1.93
N SER A 323 -0.46 4.63 -1.98
CA SER A 323 -1.62 4.54 -1.10
C SER A 323 -1.93 3.08 -0.90
N GLY A 324 -2.41 2.73 0.29
CA GLY A 324 -2.75 1.35 0.56
C GLY A 324 -3.86 1.25 1.59
N SER A 325 -4.38 0.03 1.75
CA SER A 325 -5.52 -0.24 2.62
C SER A 325 -5.14 -1.01 3.89
N PHE A 326 -5.93 -0.83 4.94
CA PHE A 326 -5.88 -1.69 6.12
C PHE A 326 -7.23 -1.61 6.81
N THR A 327 -7.48 -2.45 7.80
CA THR A 327 -8.73 -2.34 8.55
C THR A 327 -8.49 -2.05 10.01
N LEU A 328 -9.45 -1.35 10.63
CA LEU A 328 -9.51 -1.27 12.08
C LEU A 328 -10.05 -2.59 12.59
N PRO A 329 -9.25 -3.29 13.39
CA PRO A 329 -9.76 -4.50 14.04
C PRO A 329 -10.93 -4.19 14.97
N VAL A 330 -11.89 -5.11 15.03
CA VAL A 330 -13.06 -4.95 15.88
C VAL A 330 -12.70 -4.62 17.35
N GLU A 331 -11.65 -5.26 17.85
CA GLU A 331 -11.26 -5.12 19.24
C GLU A 331 -10.86 -3.67 19.62
N LEU A 332 -10.63 -2.82 18.62
CA LEU A 332 -10.18 -1.46 18.86
C LEU A 332 -11.25 -0.43 18.57
N SER A 333 -12.06 -0.68 17.54
CA SER A 333 -13.07 0.26 17.09
C SER A 333 -14.33 0.07 17.87
N GLY A 334 -14.61 -1.17 18.24
CA GLY A 334 -15.83 -1.47 18.95
C GLY A 334 -17.01 -1.62 18.03
N LYS A 335 -16.74 -1.74 16.72
CA LYS A 335 -17.79 -1.95 15.72
C LYS A 335 -18.05 -3.42 15.45
N ASP A 336 -19.15 -3.72 14.77
CA ASP A 336 -19.46 -5.09 14.42
C ASP A 336 -19.06 -5.39 12.96
N CYS A 337 -18.42 -4.40 12.35
CA CYS A 337 -17.92 -4.54 11.00
C CYS A 337 -16.45 -4.14 11.00
N LEU A 338 -15.79 -4.30 9.86
CA LEU A 338 -14.40 -3.89 9.71
C LEU A 338 -14.32 -2.49 9.13
N VAL A 339 -13.83 -1.55 9.93
CA VAL A 339 -13.67 -0.18 9.49
C VAL A 339 -12.58 -0.08 8.45
N PRO A 340 -12.93 0.39 7.25
CA PRO A 340 -11.93 0.52 6.21
C PRO A 340 -11.12 1.80 6.39
N CYS A 341 -9.81 1.73 6.13
CA CYS A 341 -8.94 2.87 6.30
C CYS A 341 -7.85 2.87 5.23
N PHE A 342 -7.22 4.02 5.02
CA PHE A 342 -6.10 4.07 4.12
C PHE A 342 -5.03 5.06 4.58
N TRP A 343 -3.83 4.87 4.07
CA TRP A 343 -2.78 5.84 4.23
C TRP A 343 -2.44 6.36 2.85
N VAL A 344 -1.93 7.58 2.81
CA VAL A 344 -1.41 8.14 1.58
C VAL A 344 0.02 8.64 1.81
N GLU A 345 0.94 8.20 0.96
CA GLU A 345 2.34 8.61 1.01
C GLU A 345 2.54 9.94 0.29
N MET A 346 3.35 10.82 0.87
CA MET A 346 3.63 12.10 0.22
C MET A 346 5.11 12.27 -0.06
N ILE A 347 5.50 11.98 -1.29
CA ILE A 347 6.90 11.97 -1.70
C ILE A 347 7.44 13.39 -1.95
N ARG A 348 8.53 13.73 -1.28
CA ARG A 348 9.23 14.99 -1.54
C ARG A 348 10.62 14.68 -2.07
N GLY A 349 11.21 15.61 -2.81
CA GLY A 349 12.53 15.41 -3.38
C GLY A 349 12.49 14.93 -4.82
N LYS A 350 13.60 14.37 -5.28
CA LYS A 350 13.70 13.81 -6.62
C LYS A 350 12.62 12.76 -6.81
N PRO A 351 12.08 12.64 -8.03
CA PRO A 351 12.54 13.36 -9.21
C PRO A 351 12.00 14.78 -9.35
N GLU A 352 10.77 15.02 -8.90
CA GLU A 352 10.12 16.29 -9.19
C GLU A 352 10.76 17.53 -8.57
N GLU A 353 11.29 17.40 -7.36
CA GLU A 353 11.82 18.57 -6.68
C GLU A 353 13.33 18.63 -6.78
N LYS A 354 13.87 19.84 -6.69
CA LYS A 354 15.29 20.07 -6.89
C LYS A 354 16.11 19.87 -5.59
N THR A 355 16.39 18.60 -5.24
CA THR A 355 17.23 18.25 -4.08
C THR A 355 18.03 17.00 -4.39
N ILE A 356 18.86 16.58 -3.44
CA ILE A 356 19.73 15.42 -3.63
C ILE A 356 19.10 14.15 -3.08
N TRP A 357 17.89 14.26 -2.55
CA TRP A 357 17.28 13.14 -1.85
C TRP A 357 15.80 12.97 -2.16
N THR A 358 15.23 11.90 -1.64
CA THR A 358 13.81 11.65 -1.79
C THR A 358 13.31 10.95 -0.54
N SER A 359 12.31 11.54 0.12
CA SER A 359 11.63 10.84 1.19
C SER A 359 10.12 11.10 1.12
N SER A 360 9.42 10.71 2.17
CA SER A 360 7.96 10.89 2.19
C SER A 360 7.38 10.87 3.60
N SER A 361 6.27 11.57 3.78
CA SER A 361 5.45 11.40 4.97
C SER A 361 4.07 10.92 4.59
N SER A 362 3.21 10.71 5.58
CA SER A 362 1.89 10.17 5.34
C SER A 362 0.80 10.88 6.11
N ILE A 363 -0.44 10.69 5.65
CA ILE A 363 -1.61 10.96 6.46
C ILE A 363 -2.52 9.74 6.42
N VAL A 364 -3.25 9.52 7.49
CA VAL A 364 -4.11 8.33 7.55
C VAL A 364 -5.57 8.71 7.74
N MET A 365 -6.43 8.11 6.94
CA MET A 365 -7.85 8.42 6.95
C MET A 365 -8.63 7.15 7.29
N CYS A 366 -9.83 7.33 7.85
CA CYS A 366 -10.61 6.17 8.26
C CYS A 366 -12.10 6.37 8.04
N GLY A 367 -12.72 5.33 7.47
CA GLY A 367 -14.11 5.37 7.05
C GLY A 367 -15.09 5.70 8.15
N VAL A 368 -15.92 6.70 7.88
CA VAL A 368 -16.94 7.10 8.84
C VAL A 368 -18.34 7.09 8.23
N ASP A 369 -19.33 7.20 9.10
CA ASP A 369 -20.73 7.19 8.70
C ASP A 369 -21.19 8.56 8.20
N TYR A 370 -20.25 9.47 7.98
CA TYR A 370 -20.58 10.83 7.57
C TYR A 370 -19.78 11.36 6.37
N GLU A 371 -20.41 12.22 5.59
CA GLU A 371 -19.72 12.96 4.55
C GLU A 371 -18.73 13.94 5.22
N VAL A 372 -17.45 13.84 4.85
CA VAL A 372 -16.41 14.70 5.44
C VAL A 372 -15.81 15.69 4.43
N ALA A 373 -15.74 16.95 4.82
CA ALA A 373 -15.34 18.01 3.90
C ALA A 373 -13.95 17.81 3.27
N ASP A 374 -13.82 18.25 2.03
CA ASP A 374 -12.55 18.17 1.35
C ASP A 374 -11.57 19.13 2.02
N TRP A 375 -10.29 18.76 2.01
CA TRP A 375 -9.25 19.65 2.47
C TRP A 375 -7.92 19.16 1.94
N SER A 376 -6.84 19.80 2.34
CA SER A 376 -5.54 19.27 2.00
C SER A 376 -4.60 19.15 3.21
N TRP A 377 -4.35 17.92 3.62
CA TRP A 377 -3.35 17.67 4.64
C TRP A 377 -1.99 17.34 4.01
N HIS A 378 -1.48 18.23 3.17
CA HIS A 378 -0.26 17.95 2.41
C HIS A 378 0.98 17.89 3.28
N ASP A 379 2.09 17.45 2.69
CA ASP A 379 3.32 17.21 3.45
C ASP A 379 3.83 18.45 4.16
N GLY A 380 4.04 19.52 3.39
CA GLY A 380 4.29 20.84 3.97
C GLY A 380 5.71 21.28 4.24
N ALA A 381 6.66 20.37 4.11
CA ALA A 381 8.05 20.77 4.33
C ALA A 381 8.55 21.70 3.22
N ILE A 382 9.50 22.56 3.56
CA ILE A 382 10.03 23.51 2.59
C ILE A 382 11.33 23.03 1.95
N LEU A 383 11.31 22.85 0.62
CA LEU A 383 12.48 22.39 -0.12
C LEU A 383 13.20 23.53 -0.82
N PRO A 384 14.53 23.40 -1.00
CA PRO A 384 15.42 22.32 -0.55
C PRO A 384 15.84 22.45 0.92
N PHE A 385 16.55 21.43 1.42
CA PHE A 385 17.05 21.38 2.80
C PHE A 385 18.50 21.83 2.91
N ASP A 386 19.04 21.81 4.12
CA ASP A 386 20.37 22.35 4.39
C ASP A 386 21.41 21.68 3.49
N ILE A 387 21.40 20.36 3.53
CA ILE A 387 22.38 19.56 2.81
C ILE A 387 22.08 19.67 1.33
N ASP A 388 21.07 20.47 1.00
CA ASP A 388 20.69 20.63 -0.40
C ASP A 388 21.56 21.72 -1.05
N LYS A 389 22.18 22.53 -0.21
CA LYS A 389 23.04 23.60 -0.68
C LYS A 389 24.51 23.21 -0.52
N MET A 390 24.73 21.94 -0.18
CA MET A 390 26.09 21.44 0.02
C MET A 390 26.68 20.94 -1.30
OAG 27V B . 7.95 -0.04 -4.11
CAT 27V B . 9.14 0.16 -4.18
NAM 27V B . 9.85 -0.21 -3.10
CAS 27V B . 11.11 0.04 -3.26
NAD 27V B . 11.98 -0.28 -2.36
SAP 27V B . 11.36 0.88 -4.49
CAY 27V B . 9.82 0.73 -5.31
CAX 27V B . 9.97 -0.25 -6.50
NAN 27V B . 10.03 -1.56 -5.94
CAQ 27V B . 11.11 -2.24 -5.83
OAE 27V B . 12.17 -1.81 -6.23
CAC 27V B . 10.99 -3.57 -5.21
CAI 27V B . 9.31 1.98 -5.77
CAU 27V B . 8.69 2.18 -7.04
CAR 27V B . 7.95 3.34 -7.37
OAH 27V B . 7.15 3.33 -8.31
OAF 27V B . 8.04 4.40 -6.77
CAL 27V B . 8.53 1.09 -7.91
CAW 27V B . 8.76 -0.25 -7.34
OAO 27V B . 8.96 -1.14 -8.40
CAV 27V B . 8.02 -2.25 -8.41
CAK 27V B . 8.63 -3.43 -9.12
CAB 27V B . 10.13 -3.47 -8.86
CAJ 27V B . 6.66 -1.90 -9.05
CAA 27V B . 6.59 -1.99 -10.58
CA CA C . -0.43 1.29 -14.91
#